data_2ZMB
#
_entry.id   2ZMB
#
_cell.length_a   63.520
_cell.length_b   50.402
_cell.length_c   66.289
_cell.angle_alpha   90.00
_cell.angle_beta   107.99
_cell.angle_gamma   90.00
#
_symmetry.space_group_name_H-M   'P 1 21 1'
#
loop_
_entity.id
_entity.type
_entity.pdbx_description
1 polymer Lactotransferrin
2 branched alpha-D-mannopyranose-(1-4)-[beta-D-glucopyranose-(1-6)]beta-D-glucopyranose-(1-4)-2-acetamido-2-deoxy-beta-D-glucopyranose-(1-4)-2-acetamido-2-deoxy-beta-D-glucopyranose
3 branched 2-acetamido-2-deoxy-beta-D-glucopyranose-(1-4)-2-acetamido-2-deoxy-beta-D-glucopyranose
4 branched alpha-D-mannopyranose-(1-4)-alpha-D-mannopyranose-(1-4)-beta-D-glucopyranose-(1-4)-beta-D-glucopyranose-(1-4)-2-acetamido-2-deoxy-beta-D-glucopyranose-(1-4)-2-acetamido-2-deoxy-beta-D-glucopyranose
5 non-polymer 'FE (III) ION'
6 non-polymer 'CARBONATE ION'
7 non-polymer 'ZINC ION'
8 non-polymer 'SULFATE ION'
9 non-polymer parecoxib
10 water water
#
_entity_poly.entity_id   1
_entity_poly.type   'polypeptide(L)'
_entity_poly.pdbx_seq_one_letter_code
;YTRVVWCAVGPEEQKKCQQWSQQSGQNVTCATASTTDDCIVLVLKGEADALNLDGGYIYTAGKCGLVPVLAENRKSSKHS
SLDCVLRPTEGYLAVAVVKKANEGLTWNSLKDKKSCHTAVDRTAGWNIPMGLIVNQTGSCAFDEFFSQSCAPGADPKSRL
CALCAGDDQGLDKCVPNSKEKYYGYTGAFRCLAEDVGDVAFVKNDTVWENTNGESTADWAKNLKREDFRLLCLDGTRKPV
TEAQSCHLAVAPNHAVVSRSDRAAHVEQVLLHQQALFGKNGKNCPDKFCLFKSETKNLLFNDNTECLAKLGGRPTYEEYL
GTEYVTAIANLKKCSTSPLLEACAF
;
_entity_poly.pdbx_strand_id   A
#
# COMPACT_ATOMS: atom_id res chain seq x y z
N TYR A 1 -19.00 -14.91 19.35
CA TYR A 1 -18.92 -13.54 18.79
C TYR A 1 -19.23 -13.65 17.29
N THR A 2 -18.43 -14.47 16.60
CA THR A 2 -18.57 -14.77 15.18
C THR A 2 -18.94 -13.73 14.06
N ARG A 3 -19.21 -12.46 14.37
CA ARG A 3 -19.50 -11.49 13.29
C ARG A 3 -18.42 -10.41 13.33
N VAL A 4 -17.84 -10.13 12.16
CA VAL A 4 -16.77 -9.14 12.03
C VAL A 4 -17.20 -7.90 11.24
N VAL A 5 -16.83 -6.73 11.76
CA VAL A 5 -17.12 -5.47 11.10
C VAL A 5 -15.81 -5.02 10.46
N TRP A 6 -15.83 -4.87 9.14
CA TRP A 6 -14.66 -4.45 8.39
C TRP A 6 -14.70 -2.94 8.08
N CYS A 7 -13.57 -2.26 8.25
CA CYS A 7 -13.51 -0.82 7.97
C CYS A 7 -13.02 -0.57 6.55
N ALA A 8 -13.83 0.13 5.76
CA ALA A 8 -13.46 0.44 4.38
C ALA A 8 -13.09 1.91 4.23
N VAL A 9 -12.02 2.18 3.48
CA VAL A 9 -11.55 3.54 3.28
C VAL A 9 -12.01 4.09 1.95
N GLY A 10 -12.90 5.09 2.01
CA GLY A 10 -13.42 5.68 0.80
C GLY A 10 -14.65 4.97 0.30
N PRO A 11 -15.44 5.60 -0.60
CA PRO A 11 -16.67 5.03 -1.17
C PRO A 11 -16.50 3.81 -2.08
N GLU A 12 -15.37 3.70 -2.78
CA GLU A 12 -15.14 2.56 -3.66
C GLU A 12 -14.87 1.28 -2.87
N GLU A 13 -14.16 1.41 -1.76
CA GLU A 13 -13.88 0.25 -0.91
C GLU A 13 -15.14 -0.14 -0.14
N GLN A 14 -16.01 0.83 0.09
CA GLN A 14 -17.26 0.59 0.80
C GLN A 14 -18.20 -0.22 -0.08
N LYS A 15 -18.29 0.15 -1.35
CA LYS A 15 -19.19 -0.57 -2.23
C LYS A 15 -18.74 -2.02 -2.44
N LYS A 16 -17.45 -2.26 -2.38
CA LYS A 16 -16.97 -3.63 -2.53
C LYS A 16 -17.24 -4.38 -1.23
N CYS A 17 -17.11 -3.69 -0.10
CA CYS A 17 -17.34 -4.33 1.18
C CYS A 17 -18.79 -4.81 1.30
N GLN A 18 -19.74 -3.96 0.89
CA GLN A 18 -21.16 -4.32 0.98
C GLN A 18 -21.45 -5.58 0.16
N GLN A 19 -20.74 -5.74 -0.96
CA GLN A 19 -20.93 -6.90 -1.80
C GLN A 19 -20.43 -8.14 -1.05
N TRP A 20 -19.33 -7.96 -0.32
CA TRP A 20 -18.74 -9.03 0.46
C TRP A 20 -19.69 -9.35 1.60
N SER A 21 -20.23 -8.30 2.20
CA SER A 21 -21.16 -8.42 3.32
C SER A 21 -22.40 -9.22 2.94
N GLN A 22 -22.91 -8.92 1.74
CA GLN A 22 -24.09 -9.55 1.15
C GLN A 22 -23.89 -11.04 0.95
N GLN A 23 -22.80 -11.40 0.29
CA GLN A 23 -22.46 -12.79 -0.01
C GLN A 23 -22.09 -13.56 1.24
N SER A 24 -21.69 -12.84 2.28
CA SER A 24 -21.31 -13.48 3.54
C SER A 24 -22.53 -13.76 4.40
N GLY A 25 -23.63 -13.09 4.08
CA GLY A 25 -24.86 -13.24 4.83
C GLY A 25 -24.71 -12.56 6.18
N GLN A 26 -24.30 -11.30 6.15
CA GLN A 26 -24.11 -10.49 7.35
C GLN A 26 -23.08 -11.05 8.31
N ASN A 27 -22.15 -11.83 7.77
CA ASN A 27 -21.08 -12.39 8.57
C ASN A 27 -20.03 -11.34 8.75
N VAL A 28 -19.99 -10.46 7.76
CA VAL A 28 -19.08 -9.35 7.72
C VAL A 28 -19.90 -8.16 7.36
N THR A 29 -19.82 -7.14 8.22
CA THR A 29 -20.54 -5.90 8.01
C THR A 29 -19.50 -4.81 7.81
N CYS A 30 -19.91 -3.69 7.22
CA CYS A 30 -18.99 -2.61 6.93
C CYS A 30 -19.18 -1.33 7.72
N ALA A 31 -18.06 -0.63 7.90
CA ALA A 31 -17.97 0.66 8.56
C ALA A 31 -17.13 1.45 7.57
N THR A 32 -17.39 2.74 7.42
CA THR A 32 -16.61 3.53 6.46
C THR A 32 -15.95 4.75 7.08
N ALA A 33 -14.79 5.12 6.53
CA ALA A 33 -14.04 6.27 6.98
C ALA A 33 -13.39 6.91 5.74
N SER A 34 -13.17 8.22 5.80
CA SER A 34 -12.57 8.93 4.67
C SER A 34 -11.05 8.77 4.65
N THR A 35 -10.47 8.28 5.73
CA THR A 35 -9.03 8.07 5.77
C THR A 35 -8.69 6.80 6.52
N THR A 36 -7.44 6.35 6.37
CA THR A 36 -6.98 5.15 7.05
C THR A 36 -6.85 5.44 8.53
N ASP A 37 -6.40 6.65 8.88
CA ASP A 37 -6.26 7.05 10.28
C ASP A 37 -7.62 6.98 11.02
N ASP A 38 -8.68 7.40 10.34
CA ASP A 38 -10.01 7.35 10.92
C ASP A 38 -10.50 5.91 11.08
N CYS A 39 -10.07 5.02 10.19
CA CYS A 39 -10.44 3.62 10.33
C CYS A 39 -9.78 3.03 11.58
N ILE A 40 -8.55 3.46 11.84
CA ILE A 40 -7.80 2.99 13.01
C ILE A 40 -8.55 3.41 14.27
N VAL A 41 -8.98 4.68 14.30
CA VAL A 41 -9.74 5.23 15.42
C VAL A 41 -11.00 4.38 15.67
N LEU A 42 -11.72 4.06 14.60
CA LEU A 42 -12.91 3.24 14.70
C LEU A 42 -12.62 1.86 15.30
N VAL A 43 -11.47 1.30 14.94
CA VAL A 43 -11.10 -0.01 15.48
C VAL A 43 -10.72 0.11 16.95
N LEU A 44 -10.13 1.25 17.33
CA LEU A 44 -9.75 1.49 18.73
C LEU A 44 -11.01 1.63 19.56
N LYS A 45 -11.95 2.43 19.03
CA LYS A 45 -13.22 2.67 19.70
C LYS A 45 -14.03 1.39 19.83
N GLY A 46 -13.76 0.43 18.96
CA GLY A 46 -14.46 -0.84 18.99
C GLY A 46 -15.64 -0.83 18.05
N GLU A 47 -15.75 0.21 17.23
CA GLU A 47 -16.86 0.32 16.29
C GLU A 47 -16.62 -0.48 15.00
N ALA A 48 -15.36 -0.82 14.75
CA ALA A 48 -14.98 -1.63 13.60
C ALA A 48 -14.04 -2.69 14.19
N ASP A 49 -13.99 -3.87 13.58
CA ASP A 49 -13.11 -4.92 14.10
C ASP A 49 -11.71 -4.97 13.47
N ALA A 50 -11.64 -5.04 12.14
CA ALA A 50 -10.34 -5.12 11.48
C ALA A 50 -10.30 -4.44 10.12
N LEU A 51 -9.08 -4.39 9.56
CA LEU A 51 -8.82 -3.85 8.23
C LEU A 51 -7.39 -4.23 7.80
N ASN A 52 -7.18 -4.29 6.49
CA ASN A 52 -5.88 -4.63 5.90
C ASN A 52 -5.07 -3.33 5.76
N LEU A 53 -3.85 -3.31 6.33
CA LEU A 53 -3.00 -2.11 6.31
C LEU A 53 -1.60 -2.26 5.69
N ASP A 54 -1.07 -1.13 5.25
CA ASP A 54 0.28 -1.03 4.71
C ASP A 54 1.16 -0.94 5.96
N GLY A 55 2.39 -1.43 5.86
CA GLY A 55 3.30 -1.39 7.00
C GLY A 55 3.40 -0.03 7.68
N GLY A 56 3.46 1.03 6.87
CA GLY A 56 3.56 2.37 7.40
C GLY A 56 2.46 2.66 8.41
N TYR A 57 1.25 2.22 8.09
CA TYR A 57 0.14 2.47 8.98
C TYR A 57 0.15 1.51 10.15
N ILE A 58 0.80 0.36 9.96
CA ILE A 58 0.88 -0.64 11.01
C ILE A 58 1.72 -0.11 12.17
N TYR A 59 2.64 0.79 11.86
CA TYR A 59 3.48 1.39 12.91
C TYR A 59 2.59 2.30 13.76
N THR A 60 1.72 3.04 13.08
CA THR A 60 0.77 3.94 13.73
C THR A 60 -0.14 3.13 14.65
N ALA A 61 -0.85 2.17 14.05
CA ALA A 61 -1.76 1.30 14.78
C ALA A 61 -1.06 0.57 15.92
N GLY A 62 0.21 0.21 15.70
CA GLY A 62 0.96 -0.50 16.72
C GLY A 62 1.16 0.29 18.00
N LYS A 63 1.47 1.57 17.87
CA LYS A 63 1.67 2.43 19.04
C LYS A 63 0.37 2.66 19.78
N CYS A 64 -0.73 2.25 19.17
CA CYS A 64 -2.04 2.41 19.79
C CYS A 64 -2.56 1.09 20.30
N GLY A 65 -1.72 0.07 20.29
CA GLY A 65 -2.11 -1.23 20.80
C GLY A 65 -2.76 -2.21 19.84
N LEU A 66 -2.95 -1.84 18.58
CA LEU A 66 -3.52 -2.78 17.64
C LEU A 66 -2.43 -3.79 17.30
N VAL A 67 -2.84 -4.97 16.85
CA VAL A 67 -1.89 -6.02 16.51
C VAL A 67 -2.15 -6.67 15.15
N PRO A 68 -1.08 -7.13 14.48
CA PRO A 68 -1.18 -7.79 13.18
C PRO A 68 -1.75 -9.18 13.35
N VAL A 69 -2.69 -9.55 12.51
CA VAL A 69 -3.37 -10.84 12.57
C VAL A 69 -2.97 -11.82 11.48
N LEU A 70 -3.10 -11.36 10.24
CA LEU A 70 -2.77 -12.18 9.08
C LEU A 70 -2.14 -11.24 8.07
N ALA A 71 -1.23 -11.78 7.25
CA ALA A 71 -0.54 -11.00 6.23
C ALA A 71 -0.94 -11.43 4.81
N GLU A 72 -0.73 -10.55 3.84
CA GLU A 72 -1.02 -10.87 2.44
C GLU A 72 0.15 -11.70 1.94
N ASN A 73 -0.15 -12.67 1.08
CA ASN A 73 0.89 -13.53 0.53
C ASN A 73 0.62 -13.71 -0.95
N ARG A 74 1.63 -13.46 -1.77
CA ARG A 74 1.48 -13.60 -3.21
C ARG A 74 2.19 -14.86 -3.69
N LYS A 75 1.87 -15.28 -4.92
CA LYS A 75 2.45 -16.48 -5.52
C LYS A 75 3.94 -16.33 -5.82
N SER A 76 4.75 -17.22 -5.24
CA SER A 76 6.19 -17.17 -5.43
C SER A 76 6.73 -18.47 -6.01
N SER A 77 7.99 -18.44 -6.45
CA SER A 77 8.63 -19.63 -7.01
C SER A 77 9.21 -20.49 -5.88
N LYS A 78 9.91 -19.85 -4.93
CA LYS A 78 10.49 -20.56 -3.80
C LYS A 78 9.36 -20.85 -2.80
N HIS A 79 9.45 -22.01 -2.14
CA HIS A 79 8.46 -22.45 -1.16
C HIS A 79 7.17 -22.84 -1.83
N SER A 80 7.28 -23.79 -2.76
CA SER A 80 6.14 -24.29 -3.52
C SER A 80 5.51 -25.47 -2.78
N SER A 81 6.35 -26.24 -2.09
CA SER A 81 5.90 -27.41 -1.34
C SER A 81 4.90 -27.07 -0.22
N LEU A 82 5.07 -25.91 0.41
CA LEU A 82 4.18 -25.48 1.48
C LEU A 82 2.90 -24.83 0.96
N ASP A 83 1.82 -24.92 1.74
CA ASP A 83 0.57 -24.31 1.34
C ASP A 83 0.69 -22.80 1.59
N CYS A 84 -0.19 -22.03 0.95
CA CYS A 84 -0.14 -20.57 1.06
C CYS A 84 -0.34 -19.96 2.44
N VAL A 85 -1.20 -20.56 3.27
CA VAL A 85 -1.46 -20.01 4.59
C VAL A 85 -0.34 -20.24 5.61
N LEU A 86 0.37 -21.36 5.50
CA LEU A 86 1.46 -21.68 6.42
C LEU A 86 2.79 -21.16 5.89
N ARG A 87 2.80 -20.80 4.61
CA ARG A 87 3.98 -20.29 3.92
C ARG A 87 4.38 -18.89 4.41
N PRO A 88 5.68 -18.68 4.67
CA PRO A 88 6.23 -17.41 5.13
C PRO A 88 6.09 -16.32 4.09
N THR A 89 5.97 -15.07 4.56
CA THR A 89 5.85 -13.93 3.64
C THR A 89 7.25 -13.54 3.11
N GLU A 90 7.33 -13.18 1.83
CA GLU A 90 8.59 -12.77 1.23
C GLU A 90 8.78 -11.26 1.19
N GLY A 91 7.68 -10.52 1.25
CA GLY A 91 7.78 -9.07 1.22
C GLY A 91 8.00 -8.51 -0.18
N TYR A 92 7.49 -7.31 -0.42
CA TYR A 92 7.63 -6.70 -1.73
C TYR A 92 8.81 -5.74 -1.82
N LEU A 93 9.17 -5.35 -3.05
CA LEU A 93 10.31 -4.47 -3.27
C LEU A 93 9.92 -3.02 -3.54
N ALA A 94 10.44 -2.10 -2.72
CA ALA A 94 10.17 -0.68 -2.90
C ALA A 94 11.14 -0.19 -3.99
N VAL A 95 10.62 0.50 -4.99
CA VAL A 95 11.47 0.99 -6.07
C VAL A 95 11.13 2.43 -6.43
N ALA A 96 11.92 3.00 -7.34
CA ALA A 96 11.73 4.37 -7.84
C ALA A 96 11.64 4.20 -9.35
N VAL A 97 10.53 4.61 -9.94
CA VAL A 97 10.40 4.43 -11.39
C VAL A 97 10.37 5.74 -12.17
N VAL A 98 10.94 5.70 -13.38
CA VAL A 98 10.99 6.86 -14.27
C VAL A 98 10.77 6.42 -15.73
N LYS A 99 10.57 7.39 -16.62
CA LYS A 99 10.40 7.10 -18.05
C LYS A 99 11.77 6.94 -18.68
N LYS A 100 11.91 6.03 -19.63
CA LYS A 100 13.20 5.81 -20.28
C LYS A 100 13.62 7.07 -21.04
N ALA A 101 12.65 7.67 -21.74
CA ALA A 101 12.86 8.86 -22.53
C ALA A 101 13.41 10.02 -21.70
N ASN A 102 13.17 9.98 -20.41
CA ASN A 102 13.65 11.03 -19.51
C ASN A 102 15.10 10.70 -19.12
N GLU A 103 16.01 10.87 -20.08
CA GLU A 103 17.40 10.55 -19.88
C GLU A 103 18.10 11.46 -18.87
N GLY A 104 19.21 10.97 -18.34
CA GLY A 104 19.99 11.75 -17.39
C GLY A 104 19.36 11.99 -16.02
N LEU A 105 18.23 11.35 -15.77
CA LEU A 105 17.56 11.49 -14.49
C LEU A 105 17.91 10.29 -13.62
N THR A 106 18.79 10.49 -12.64
CA THR A 106 19.17 9.41 -11.73
C THR A 106 18.87 9.80 -10.30
N TRP A 107 19.15 8.89 -9.37
CA TRP A 107 18.92 9.14 -7.96
C TRP A 107 19.61 10.42 -7.49
N ASN A 108 20.74 10.74 -8.10
CA ASN A 108 21.48 11.93 -7.70
C ASN A 108 20.95 13.23 -8.30
N SER A 109 20.03 13.13 -9.26
CA SER A 109 19.46 14.33 -9.86
C SER A 109 17.95 14.47 -9.65
N LEU A 110 17.46 13.97 -8.51
CA LEU A 110 16.04 14.05 -8.19
C LEU A 110 15.60 15.40 -7.60
N LYS A 111 16.53 16.16 -7.04
CA LYS A 111 16.15 17.43 -6.45
C LYS A 111 15.48 18.41 -7.41
N ASP A 112 14.39 19.03 -6.97
CA ASP A 112 13.65 19.97 -7.79
C ASP A 112 12.93 19.34 -8.96
N LYS A 113 12.73 18.03 -8.89
CA LYS A 113 11.99 17.30 -9.91
C LYS A 113 10.57 17.08 -9.38
N LYS A 114 9.71 16.47 -10.17
CA LYS A 114 8.33 16.23 -9.74
C LYS A 114 8.15 14.77 -9.36
N SER A 115 7.48 14.52 -8.24
CA SER A 115 7.29 13.15 -7.75
C SER A 115 5.86 12.68 -7.59
N CYS A 116 5.72 11.37 -7.49
CA CYS A 116 4.42 10.72 -7.32
C CYS A 116 4.52 9.70 -6.19
N HIS A 117 3.80 9.94 -5.09
CA HIS A 117 3.81 9.04 -3.94
C HIS A 117 2.47 8.36 -3.76
N THR A 118 2.48 7.10 -3.32
CA THR A 118 1.23 6.37 -3.11
C THR A 118 0.33 7.12 -2.14
N ALA A 119 0.93 7.61 -1.05
CA ALA A 119 0.23 8.37 -0.02
C ALA A 119 1.21 8.63 1.13
N VAL A 120 0.94 9.67 1.92
CA VAL A 120 1.80 9.97 3.06
C VAL A 120 1.74 8.83 4.07
N ASP A 121 2.83 8.64 4.81
CA ASP A 121 2.93 7.61 5.83
C ASP A 121 2.95 6.15 5.35
N ARG A 122 3.15 5.93 4.06
CA ARG A 122 3.20 4.55 3.56
C ARG A 122 4.63 4.09 3.29
N THR A 123 4.85 2.78 3.30
CA THR A 123 6.19 2.21 3.11
C THR A 123 6.91 2.63 1.82
N ALA A 124 6.51 2.05 0.70
CA ALA A 124 7.15 2.36 -0.57
C ALA A 124 6.89 3.79 -1.07
N GLY A 125 5.71 4.32 -0.78
CA GLY A 125 5.39 5.64 -1.28
C GLY A 125 5.98 6.83 -0.54
N TRP A 126 6.22 6.69 0.76
CA TRP A 126 6.71 7.79 1.55
C TRP A 126 7.89 7.48 2.46
N ASN A 127 7.64 6.66 3.48
CA ASN A 127 8.67 6.32 4.48
C ASN A 127 10.04 5.91 3.97
N ILE A 128 10.09 5.00 3.01
CA ILE A 128 11.40 4.58 2.49
C ILE A 128 12.09 5.67 1.69
N PRO A 129 11.44 6.22 0.65
CA PRO A 129 12.11 7.27 -0.11
C PRO A 129 12.44 8.50 0.73
N MET A 130 11.45 9.07 1.42
CA MET A 130 11.70 10.27 2.23
C MET A 130 12.73 10.08 3.35
N GLY A 131 12.75 8.88 3.95
CA GLY A 131 13.72 8.61 4.99
C GLY A 131 15.13 8.70 4.42
N LEU A 132 15.32 8.07 3.27
CA LEU A 132 16.61 8.10 2.60
C LEU A 132 17.01 9.54 2.28
N ILE A 133 16.12 10.27 1.62
CA ILE A 133 16.40 11.65 1.24
C ILE A 133 16.74 12.53 2.44
N VAL A 134 16.01 12.37 3.55
CA VAL A 134 16.30 13.18 4.72
C VAL A 134 17.75 12.97 5.15
N ASN A 135 18.18 11.71 5.19
CA ASN A 135 19.55 11.37 5.59
C ASN A 135 20.61 11.98 4.72
N GLN A 136 20.44 11.78 3.42
CA GLN A 136 21.37 12.26 2.43
C GLN A 136 21.36 13.77 2.40
N THR A 137 20.24 14.37 2.76
CA THR A 137 20.12 15.81 2.77
C THR A 137 20.57 16.42 4.09
N GLY A 138 20.40 15.69 5.18
CA GLY A 138 20.79 16.19 6.48
C GLY A 138 19.88 17.32 6.89
N SER A 139 18.64 17.30 6.39
CA SER A 139 17.65 18.32 6.72
C SER A 139 16.25 17.70 6.76
N CYS A 140 15.36 18.30 7.55
CA CYS A 140 13.99 17.81 7.68
C CYS A 140 13.04 18.50 6.71
N ALA A 141 13.57 19.34 5.83
CA ALA A 141 12.72 20.05 4.88
C ALA A 141 12.38 19.22 3.66
N PHE A 142 11.77 18.05 3.85
CA PHE A 142 11.41 17.21 2.71
C PHE A 142 10.27 17.84 1.92
N ASP A 143 9.65 18.86 2.49
CA ASP A 143 8.56 19.57 1.83
C ASP A 143 9.12 20.53 0.77
N GLU A 144 10.45 20.60 0.69
CA GLU A 144 11.10 21.49 -0.27
C GLU A 144 12.03 20.78 -1.25
N PHE A 145 12.21 19.48 -1.07
CA PHE A 145 13.09 18.72 -1.94
C PHE A 145 12.60 18.67 -3.38
N PHE A 146 11.39 18.18 -3.58
CA PHE A 146 10.80 18.13 -4.90
C PHE A 146 10.11 19.46 -5.19
N SER A 147 10.07 19.86 -6.45
CA SER A 147 9.44 21.12 -6.82
C SER A 147 7.94 21.04 -6.56
N GLN A 148 7.34 19.98 -7.08
CA GLN A 148 5.90 19.72 -6.94
C GLN A 148 5.71 18.22 -6.79
N SER A 149 4.65 17.82 -6.11
CA SER A 149 4.40 16.41 -5.92
C SER A 149 2.93 16.14 -5.73
N CYS A 150 2.61 14.85 -5.70
CA CYS A 150 1.28 14.39 -5.37
C CYS A 150 1.53 13.35 -4.28
N ALA A 151 1.26 13.75 -3.04
CA ALA A 151 1.45 12.89 -1.87
C ALA A 151 0.18 12.95 -1.01
N PRO A 152 -0.83 12.12 -1.34
CA PRO A 152 -2.10 12.07 -0.60
C PRO A 152 -1.89 12.04 0.90
N GLY A 153 -2.58 12.94 1.61
CA GLY A 153 -2.44 13.02 3.06
C GLY A 153 -1.74 14.29 3.53
N ALA A 154 -1.10 15.00 2.60
CA ALA A 154 -0.40 16.23 2.96
C ALA A 154 -1.37 17.41 2.86
N ASP A 155 -0.88 18.61 3.15
CA ASP A 155 -1.70 19.82 3.11
C ASP A 155 -2.06 20.10 1.65
N PRO A 156 -3.36 20.18 1.33
CA PRO A 156 -3.86 20.43 -0.02
C PRO A 156 -3.32 21.73 -0.63
N LYS A 157 -3.10 22.73 0.22
CA LYS A 157 -2.60 24.04 -0.20
C LYS A 157 -1.09 24.06 -0.44
N SER A 158 -0.40 22.98 -0.07
CA SER A 158 1.05 22.89 -0.25
C SER A 158 1.48 22.24 -1.57
N ARG A 159 2.75 22.42 -1.92
CA ARG A 159 3.31 21.87 -3.15
C ARG A 159 3.25 20.34 -3.21
N LEU A 160 3.29 19.70 -2.04
CA LEU A 160 3.21 18.24 -1.94
C LEU A 160 1.89 17.67 -2.45
N CYS A 161 0.93 18.55 -2.76
CA CYS A 161 -0.38 18.13 -3.25
C CYS A 161 -0.64 18.67 -4.66
N ALA A 162 0.18 19.62 -5.06
CA ALA A 162 0.07 20.28 -6.35
C ALA A 162 -0.21 19.40 -7.57
N LEU A 163 0.37 18.21 -7.62
CA LEU A 163 0.17 17.34 -8.78
C LEU A 163 -1.03 16.40 -8.70
N CYS A 164 -1.71 16.37 -7.56
CA CYS A 164 -2.88 15.52 -7.38
C CYS A 164 -4.10 16.11 -8.10
N ALA A 165 -4.95 15.23 -8.64
CA ALA A 165 -6.12 15.66 -9.41
C ALA A 165 -7.47 15.69 -8.70
N GLY A 166 -7.68 14.81 -7.73
CA GLY A 166 -8.98 14.77 -7.09
C GLY A 166 -9.84 13.79 -7.88
N ASP A 167 -11.15 13.80 -7.65
CA ASP A 167 -12.04 12.87 -8.34
C ASP A 167 -12.54 13.39 -9.68
N ASP A 168 -13.58 12.74 -10.19
CA ASP A 168 -14.20 13.09 -11.47
C ASP A 168 -14.50 14.56 -11.63
N GLN A 169 -14.90 15.20 -10.54
CA GLN A 169 -15.24 16.61 -10.56
C GLN A 169 -14.15 17.46 -9.91
N GLY A 170 -12.94 16.92 -9.82
CA GLY A 170 -11.85 17.66 -9.22
C GLY A 170 -12.02 17.98 -7.73
N LEU A 171 -12.99 17.33 -7.09
CA LEU A 171 -13.22 17.51 -5.64
C LEU A 171 -12.36 16.50 -4.89
N ASP A 172 -12.20 16.71 -3.59
CA ASP A 172 -11.39 15.82 -2.77
C ASP A 172 -9.91 15.76 -3.16
N LYS A 173 -9.40 16.86 -3.70
CA LYS A 173 -7.99 16.88 -4.10
C LYS A 173 -7.04 16.45 -2.99
N CYS A 174 -6.13 15.54 -3.31
CA CYS A 174 -5.10 15.02 -2.38
C CYS A 174 -5.59 14.10 -1.24
N VAL A 175 -6.90 13.82 -1.16
CA VAL A 175 -7.38 12.94 -0.10
C VAL A 175 -6.67 11.60 -0.14
N PRO A 176 -6.37 11.04 1.04
CA PRO A 176 -5.68 9.76 1.10
C PRO A 176 -6.56 8.51 0.96
N ASN A 177 -7.28 8.44 -0.15
CA ASN A 177 -8.12 7.28 -0.48
C ASN A 177 -8.32 7.25 -2.00
N SER A 178 -8.84 6.13 -2.51
CA SER A 178 -9.02 5.94 -3.95
C SER A 178 -9.86 6.96 -4.72
N LYS A 179 -10.46 7.93 -4.05
CA LYS A 179 -11.21 8.96 -4.79
C LYS A 179 -10.21 9.86 -5.52
N GLU A 180 -9.01 9.97 -4.94
CA GLU A 180 -7.93 10.73 -5.53
C GLU A 180 -7.43 9.91 -6.72
N LYS A 181 -7.33 10.56 -7.87
CA LYS A 181 -6.90 9.91 -9.08
C LYS A 181 -5.52 9.29 -8.95
N TYR A 182 -4.62 9.97 -8.25
CA TYR A 182 -3.26 9.48 -8.08
C TYR A 182 -2.95 8.90 -6.70
N TYR A 183 -3.92 8.19 -6.13
CA TYR A 183 -3.74 7.57 -4.81
C TYR A 183 -3.25 6.12 -4.91
N GLY A 184 -2.37 5.73 -3.99
CA GLY A 184 -1.89 4.35 -3.95
C GLY A 184 -0.91 3.91 -5.03
N TYR A 185 -0.67 2.60 -5.09
CA TYR A 185 0.25 2.06 -6.07
C TYR A 185 -0.15 2.42 -7.50
N THR A 186 -1.38 2.10 -7.88
CA THR A 186 -1.84 2.37 -9.24
C THR A 186 -1.93 3.86 -9.51
N GLY A 187 -2.34 4.63 -8.51
CA GLY A 187 -2.46 6.06 -8.67
C GLY A 187 -1.12 6.72 -8.94
N ALA A 188 -0.14 6.43 -8.07
CA ALA A 188 1.20 6.99 -8.22
C ALA A 188 1.82 6.60 -9.56
N PHE A 189 1.59 5.36 -10.00
CA PHE A 189 2.15 4.88 -11.27
C PHE A 189 1.48 5.54 -12.47
N ARG A 190 0.19 5.84 -12.36
CA ARG A 190 -0.52 6.50 -13.44
C ARG A 190 0.03 7.91 -13.54
N CYS A 191 0.31 8.48 -12.37
CA CYS A 191 0.88 9.82 -12.23
C CYS A 191 2.16 9.95 -13.06
N LEU A 192 2.97 8.90 -13.06
CA LEU A 192 4.19 8.91 -13.85
C LEU A 192 3.82 8.62 -15.32
N ALA A 193 3.04 7.56 -15.51
CA ALA A 193 2.61 7.12 -16.84
C ALA A 193 2.06 8.24 -17.69
N GLU A 194 1.31 9.16 -17.07
CA GLU A 194 0.74 10.26 -17.82
C GLU A 194 1.67 11.47 -17.85
N ASP A 195 2.86 11.28 -17.30
CA ASP A 195 3.88 12.33 -17.29
C ASP A 195 3.54 13.56 -16.49
N VAL A 196 2.89 13.35 -15.36
CA VAL A 196 2.57 14.46 -14.45
C VAL A 196 3.81 14.67 -13.60
N GLY A 197 4.31 13.57 -13.04
CA GLY A 197 5.52 13.63 -12.27
C GLY A 197 6.66 13.00 -13.04
N ASP A 198 7.88 13.23 -12.59
CA ASP A 198 9.06 12.67 -13.22
C ASP A 198 9.45 11.31 -12.63
N VAL A 199 9.03 11.07 -11.40
CA VAL A 199 9.34 9.82 -10.72
C VAL A 199 8.15 9.36 -9.89
N ALA A 200 8.08 8.04 -9.71
CA ALA A 200 7.01 7.43 -8.95
C ALA A 200 7.60 6.44 -7.94
N PHE A 201 7.13 6.52 -6.70
CA PHE A 201 7.59 5.65 -5.64
C PHE A 201 6.52 4.61 -5.32
N VAL A 202 6.65 3.45 -5.95
CA VAL A 202 5.71 2.35 -5.80
C VAL A 202 6.49 1.07 -5.47
N LYS A 203 5.93 -0.06 -5.84
CA LYS A 203 6.60 -1.33 -5.62
C LYS A 203 6.80 -1.96 -6.99
N ASN A 204 7.63 -3.00 -7.02
CA ASN A 204 7.97 -3.71 -8.24
C ASN A 204 6.78 -4.33 -9.01
N ASP A 205 5.87 -4.96 -8.29
CA ASP A 205 4.74 -5.61 -8.93
C ASP A 205 3.88 -4.63 -9.72
N THR A 206 3.85 -3.37 -9.27
CA THR A 206 3.04 -2.36 -9.91
C THR A 206 3.41 -2.13 -11.36
N VAL A 207 4.71 -2.07 -11.64
CA VAL A 207 5.16 -1.84 -13.01
C VAL A 207 4.71 -2.98 -13.91
N TRP A 208 4.90 -4.21 -13.45
CA TRP A 208 4.51 -5.39 -14.22
C TRP A 208 3.01 -5.53 -14.45
N GLU A 209 2.23 -5.29 -13.40
CA GLU A 209 0.79 -5.41 -13.47
C GLU A 209 0.10 -4.39 -14.34
N ASN A 210 0.77 -3.27 -14.59
CA ASN A 210 0.16 -2.21 -15.38
C ASN A 210 0.82 -1.91 -16.71
N THR A 211 1.64 -2.85 -17.17
CA THR A 211 2.32 -2.71 -18.44
C THR A 211 2.20 -3.99 -19.27
N ASN A 212 2.37 -3.81 -20.58
CA ASN A 212 2.30 -4.91 -21.55
C ASN A 212 0.92 -5.57 -21.64
N GLY A 213 -0.12 -4.73 -21.68
CA GLY A 213 -1.48 -5.22 -21.78
C GLY A 213 -2.05 -5.99 -20.61
N GLU A 214 -1.47 -5.83 -19.42
CA GLU A 214 -1.94 -6.53 -18.24
C GLU A 214 -3.14 -5.85 -17.58
N SER A 215 -3.15 -4.52 -17.61
CA SER A 215 -4.21 -3.74 -16.98
C SER A 215 -5.50 -3.55 -17.79
N THR A 216 -5.37 -3.35 -19.11
CA THR A 216 -6.52 -3.12 -20.00
C THR A 216 -7.32 -1.87 -19.67
N ALA A 217 -6.76 -1.01 -18.81
CA ALA A 217 -7.38 0.25 -18.42
C ALA A 217 -6.94 1.31 -19.44
N ASP A 218 -7.87 2.15 -19.87
CA ASP A 218 -7.59 3.19 -20.86
C ASP A 218 -6.21 3.85 -20.77
N TRP A 219 -5.74 4.16 -19.57
CA TRP A 219 -4.44 4.81 -19.40
C TRP A 219 -3.26 3.84 -19.43
N ALA A 220 -3.53 2.57 -19.18
CA ALA A 220 -2.48 1.56 -19.15
C ALA A 220 -2.41 0.68 -20.40
N LYS A 221 -3.46 0.74 -21.23
CA LYS A 221 -3.56 -0.02 -22.48
C LYS A 221 -2.23 -0.20 -23.23
N ASN A 222 -1.59 0.91 -23.55
CA ASN A 222 -0.38 0.92 -24.35
C ASN A 222 0.96 1.08 -23.65
N LEU A 223 1.00 0.84 -22.35
CA LEU A 223 2.27 0.99 -21.65
C LEU A 223 3.19 -0.20 -21.85
N LYS A 224 4.45 0.08 -22.20
CA LYS A 224 5.46 -0.94 -22.39
C LYS A 224 6.52 -0.86 -21.29
N ARG A 225 6.90 -2.00 -20.73
CA ARG A 225 7.90 -2.04 -19.66
C ARG A 225 9.22 -1.41 -20.11
N GLU A 226 9.52 -1.59 -21.40
CA GLU A 226 10.74 -1.07 -22.02
C GLU A 226 10.82 0.45 -21.96
N ASP A 227 9.67 1.10 -21.77
CA ASP A 227 9.61 2.55 -21.70
C ASP A 227 9.85 3.08 -20.27
N PHE A 228 10.10 2.17 -19.35
CA PHE A 228 10.35 2.51 -17.94
C PHE A 228 11.72 2.05 -17.43
N ARG A 229 12.22 2.73 -16.40
CA ARG A 229 13.51 2.41 -15.77
C ARG A 229 13.46 2.56 -14.26
N LEU A 230 14.27 1.77 -13.57
CA LEU A 230 14.36 1.81 -12.11
C LEU A 230 15.58 2.63 -11.73
N LEU A 231 15.46 3.42 -10.67
CA LEU A 231 16.58 4.22 -10.19
C LEU A 231 17.23 3.49 -9.03
N CYS A 232 18.49 3.10 -9.17
CA CYS A 232 19.15 2.40 -8.08
C CYS A 232 19.84 3.45 -7.21
N LEU A 233 20.30 3.05 -6.03
CA LEU A 233 20.93 3.99 -5.12
C LEU A 233 22.36 4.37 -5.51
N ASP A 234 23.02 3.52 -6.29
CA ASP A 234 24.39 3.82 -6.72
C ASP A 234 24.43 4.76 -7.93
N GLY A 235 23.31 5.45 -8.17
CA GLY A 235 23.24 6.38 -9.28
C GLY A 235 23.11 5.75 -10.65
N THR A 236 22.75 4.48 -10.71
CA THR A 236 22.60 3.79 -11.98
C THR A 236 21.13 3.67 -12.35
N ARG A 237 20.86 3.32 -13.59
CA ARG A 237 19.48 3.12 -14.07
C ARG A 237 19.41 1.73 -14.70
N LYS A 238 18.40 0.94 -14.34
CA LYS A 238 18.27 -0.39 -14.89
C LYS A 238 16.87 -0.73 -15.37
N PRO A 239 16.75 -1.74 -16.23
CA PRO A 239 15.45 -2.18 -16.74
C PRO A 239 14.64 -2.69 -15.56
N VAL A 240 13.31 -2.74 -15.72
CA VAL A 240 12.46 -3.19 -14.62
C VAL A 240 12.64 -4.68 -14.36
N THR A 241 13.45 -5.35 -15.19
CA THR A 241 13.70 -6.77 -15.01
C THR A 241 14.77 -7.03 -13.95
N GLU A 242 15.48 -5.97 -13.53
CA GLU A 242 16.54 -6.08 -12.53
C GLU A 242 16.16 -5.49 -11.18
N ALA A 243 14.95 -5.76 -10.72
CA ALA A 243 14.50 -5.20 -9.44
C ALA A 243 15.26 -5.75 -8.24
N GLN A 244 15.63 -7.01 -8.30
CA GLN A 244 16.34 -7.65 -7.19
C GLN A 244 17.69 -6.97 -6.92
N SER A 245 18.24 -6.30 -7.92
CA SER A 245 19.53 -5.63 -7.78
C SER A 245 19.44 -4.11 -7.97
N CYS A 246 18.24 -3.57 -7.85
CA CYS A 246 18.02 -2.14 -8.00
C CYS A 246 16.71 -1.74 -7.33
N HIS A 247 16.71 -1.78 -6.00
CA HIS A 247 15.54 -1.40 -5.20
C HIS A 247 16.00 -0.54 -4.01
N LEU A 248 15.08 0.24 -3.44
CA LEU A 248 15.40 1.13 -2.32
C LEU A 248 15.32 0.38 -1.00
N ALA A 249 14.49 -0.65 -0.98
CA ALA A 249 14.32 -1.45 0.22
C ALA A 249 13.34 -2.58 -0.01
N VAL A 250 13.30 -3.50 0.94
CA VAL A 250 12.36 -4.61 0.86
C VAL A 250 11.36 -4.37 1.99
N ALA A 251 10.08 -4.33 1.67
CA ALA A 251 9.07 -4.02 2.66
C ALA A 251 8.24 -5.19 3.17
N PRO A 252 7.74 -5.08 4.41
CA PRO A 252 6.90 -6.11 5.06
C PRO A 252 5.49 -6.07 4.44
N ASN A 253 4.99 -7.22 4.02
CA ASN A 253 3.68 -7.31 3.39
C ASN A 253 2.57 -6.58 4.12
N HIS A 254 1.56 -6.14 3.36
CA HIS A 254 0.42 -5.50 4.02
C HIS A 254 -0.23 -6.56 4.92
N ALA A 255 -0.73 -6.12 6.07
CA ALA A 255 -1.36 -7.04 7.00
C ALA A 255 -2.68 -6.54 7.55
N VAL A 256 -3.52 -7.50 7.95
CA VAL A 256 -4.81 -7.24 8.58
C VAL A 256 -4.53 -7.03 10.07
N VAL A 257 -5.00 -5.92 10.65
CA VAL A 257 -4.78 -5.66 12.07
C VAL A 257 -6.10 -5.54 12.82
N SER A 258 -6.02 -5.63 14.15
CA SER A 258 -7.20 -5.51 15.00
C SER A 258 -6.77 -5.30 16.45
N ARG A 259 -7.74 -5.04 17.31
CA ARG A 259 -7.46 -4.90 18.73
C ARG A 259 -7.06 -6.27 19.27
N SER A 260 -6.01 -6.32 20.07
CA SER A 260 -5.52 -7.59 20.58
C SER A 260 -6.59 -8.47 21.21
N ASP A 261 -7.64 -7.89 21.78
CA ASP A 261 -8.67 -8.69 22.41
C ASP A 261 -9.75 -9.17 21.43
N ARG A 262 -9.47 -9.00 20.14
CA ARG A 262 -10.40 -9.42 19.08
C ARG A 262 -9.69 -10.20 17.98
N ALA A 263 -8.36 -10.19 18.03
CA ALA A 263 -7.53 -10.87 17.03
C ALA A 263 -7.89 -12.34 16.76
N ALA A 264 -8.15 -13.10 17.82
CA ALA A 264 -8.48 -14.51 17.65
C ALA A 264 -9.75 -14.69 16.86
N HIS A 265 -10.77 -13.92 17.24
CA HIS A 265 -12.07 -14.02 16.59
C HIS A 265 -12.00 -13.56 15.14
N VAL A 266 -11.25 -12.49 14.88
CA VAL A 266 -11.09 -11.96 13.52
C VAL A 266 -10.39 -12.96 12.60
N GLU A 267 -9.37 -13.62 13.15
CA GLU A 267 -8.60 -14.61 12.41
C GLU A 267 -9.45 -15.79 11.98
N GLN A 268 -10.25 -16.29 12.92
CA GLN A 268 -11.11 -17.42 12.64
C GLN A 268 -12.06 -17.16 11.46
N VAL A 269 -12.71 -16.00 11.49
CA VAL A 269 -13.66 -15.62 10.44
C VAL A 269 -13.03 -15.48 9.05
N LEU A 270 -11.89 -14.80 8.99
CA LEU A 270 -11.18 -14.55 7.74
C LEU A 270 -10.72 -15.80 7.00
N LEU A 271 -10.25 -16.79 7.75
CA LEU A 271 -9.80 -18.06 7.18
C LEU A 271 -10.97 -18.78 6.50
N HIS A 272 -12.14 -18.68 7.13
CA HIS A 272 -13.38 -19.26 6.62
C HIS A 272 -13.85 -18.47 5.42
N GLN A 273 -13.58 -17.17 5.45
CA GLN A 273 -13.97 -16.28 4.36
C GLN A 273 -13.19 -16.53 3.08
N GLN A 274 -11.89 -16.80 3.20
CA GLN A 274 -11.08 -17.04 2.02
C GLN A 274 -11.25 -18.48 1.54
N ALA A 275 -11.78 -19.34 2.40
CA ALA A 275 -12.02 -20.71 2.01
C ALA A 275 -13.16 -20.64 0.98
N LEU A 276 -13.97 -19.59 1.10
CA LEU A 276 -15.12 -19.37 0.22
C LEU A 276 -14.85 -18.40 -0.91
N PHE A 277 -14.13 -17.32 -0.62
CA PHE A 277 -13.85 -16.27 -1.60
C PHE A 277 -12.39 -16.06 -2.00
N GLY A 278 -11.50 -16.94 -1.53
CA GLY A 278 -10.09 -16.83 -1.87
C GLY A 278 -9.76 -17.17 -3.31
N LYS A 279 -8.48 -17.42 -3.61
CA LYS A 279 -8.07 -17.72 -4.98
C LYS A 279 -8.77 -18.93 -5.60
N ASN A 280 -8.91 -19.99 -4.82
CA ASN A 280 -9.58 -21.20 -5.30
C ASN A 280 -10.84 -21.47 -4.48
N GLY A 281 -11.34 -20.41 -3.84
CA GLY A 281 -12.52 -20.53 -3.00
C GLY A 281 -13.75 -21.13 -3.66
N LYS A 282 -14.62 -21.71 -2.85
CA LYS A 282 -15.84 -22.34 -3.33
C LYS A 282 -16.70 -21.42 -4.20
N ASN A 283 -16.78 -20.14 -3.84
CA ASN A 283 -17.62 -19.21 -4.59
C ASN A 283 -16.91 -18.05 -5.29
N CYS A 284 -15.62 -18.20 -5.58
CA CYS A 284 -14.91 -17.09 -6.20
C CYS A 284 -15.26 -16.76 -7.64
N PRO A 285 -14.69 -17.49 -8.64
CA PRO A 285 -15.00 -17.15 -10.03
C PRO A 285 -16.49 -17.01 -10.35
N ASP A 286 -17.31 -17.83 -9.69
CA ASP A 286 -18.76 -17.85 -9.89
C ASP A 286 -19.48 -16.67 -9.26
N LYS A 287 -19.46 -16.58 -7.92
CA LYS A 287 -20.17 -15.51 -7.24
C LYS A 287 -19.37 -14.26 -6.89
N PHE A 288 -18.39 -14.40 -6.00
CA PHE A 288 -17.62 -13.23 -5.57
C PHE A 288 -16.18 -13.61 -5.21
N CYS A 289 -15.21 -12.81 -5.65
CA CYS A 289 -13.81 -13.07 -5.32
C CYS A 289 -13.26 -11.90 -4.49
N LEU A 290 -12.76 -12.24 -3.31
CA LEU A 290 -12.21 -11.28 -2.35
C LEU A 290 -10.97 -10.50 -2.83
N PHE A 291 -10.11 -11.16 -3.58
CA PHE A 291 -8.87 -10.53 -4.02
C PHE A 291 -8.87 -10.03 -5.47
N LYS A 292 -10.03 -9.61 -5.96
CA LYS A 292 -10.16 -9.06 -7.31
C LYS A 292 -11.00 -7.79 -7.25
N SER A 293 -10.47 -6.72 -7.82
CA SER A 293 -11.17 -5.45 -7.85
C SER A 293 -10.67 -4.65 -9.05
N GLU A 294 -10.61 -5.33 -10.19
CA GLU A 294 -10.15 -4.75 -11.46
C GLU A 294 -9.01 -3.74 -11.34
N THR A 295 -7.84 -4.25 -10.98
CA THR A 295 -6.58 -3.49 -10.82
C THR A 295 -6.62 -2.27 -9.89
N LYS A 296 -7.66 -2.15 -9.07
CA LYS A 296 -7.80 -1.00 -8.18
C LYS A 296 -7.35 -1.23 -6.74
N ASN A 297 -6.93 -2.45 -6.42
CA ASN A 297 -6.46 -2.80 -5.08
C ASN A 297 -7.37 -2.38 -3.93
N LEU A 298 -8.65 -2.72 -4.02
CA LEU A 298 -9.61 -2.36 -2.98
C LEU A 298 -9.62 -3.40 -1.85
N LEU A 299 -9.52 -2.93 -0.61
CA LEU A 299 -9.48 -3.77 0.60
C LEU A 299 -8.21 -4.64 0.70
N PHE A 300 -7.83 -5.26 -0.42
CA PHE A 300 -6.63 -6.10 -0.48
C PHE A 300 -5.96 -5.83 -1.82
N ASN A 301 -4.70 -6.24 -1.94
CA ASN A 301 -4.00 -6.09 -3.19
C ASN A 301 -4.54 -7.19 -4.10
N ASP A 302 -4.65 -6.89 -5.39
CA ASP A 302 -5.18 -7.85 -6.35
C ASP A 302 -4.29 -9.06 -6.58
N ASN A 303 -3.00 -8.96 -6.23
CA ASN A 303 -2.09 -10.09 -6.43
C ASN A 303 -2.02 -11.03 -5.23
N THR A 304 -2.90 -10.83 -4.26
CA THR A 304 -2.90 -11.68 -3.07
C THR A 304 -3.40 -13.09 -3.38
N GLU A 305 -2.56 -14.08 -3.13
CA GLU A 305 -2.95 -15.48 -3.35
C GLU A 305 -3.81 -15.94 -2.17
N CYS A 306 -3.43 -15.48 -0.98
CA CYS A 306 -4.14 -15.81 0.25
C CYS A 306 -3.60 -14.97 1.39
N LEU A 307 -4.38 -14.89 2.46
CA LEU A 307 -3.97 -14.21 3.69
C LEU A 307 -3.31 -15.35 4.46
N ALA A 308 -2.09 -15.15 4.92
CA ALA A 308 -1.39 -16.22 5.60
C ALA A 308 -1.27 -16.04 7.10
N LYS A 309 -1.20 -17.15 7.81
CA LYS A 309 -1.02 -17.13 9.26
C LYS A 309 0.36 -16.52 9.50
N LEU A 310 0.60 -15.98 10.69
CA LEU A 310 1.90 -15.38 10.95
C LEU A 310 2.93 -16.34 11.51
N GLY A 311 2.69 -16.86 12.69
CA GLY A 311 3.67 -17.80 13.24
C GLY A 311 4.73 -17.05 14.02
N GLY A 312 4.86 -17.44 15.29
CA GLY A 312 5.81 -16.80 16.18
C GLY A 312 5.01 -15.73 16.88
N ARG A 313 3.69 -15.75 16.65
CA ARG A 313 2.74 -14.79 17.23
C ARG A 313 3.52 -13.51 17.55
N PRO A 314 3.96 -12.79 16.50
CA PRO A 314 4.74 -11.56 16.58
C PRO A 314 4.01 -10.27 16.92
N THR A 315 4.73 -9.38 17.60
CA THR A 315 4.21 -8.07 17.94
C THR A 315 4.38 -7.21 16.67
N TYR A 316 3.84 -6.00 16.69
CA TYR A 316 3.92 -5.15 15.50
C TYR A 316 5.37 -4.73 15.19
N GLU A 317 6.22 -4.68 16.21
CA GLU A 317 7.63 -4.31 16.02
C GLU A 317 8.37 -5.46 15.37
N GLU A 318 8.00 -6.68 15.75
CA GLU A 318 8.64 -7.85 15.20
C GLU A 318 8.13 -8.10 13.79
N TYR A 319 6.84 -7.83 13.58
CA TYR A 319 6.30 -8.03 12.25
C TYR A 319 7.05 -7.02 11.39
N LEU A 320 6.96 -5.70 11.64
CA LEU A 320 7.68 -4.78 10.75
C LEU A 320 9.21 -4.97 10.67
N GLY A 321 9.83 -5.40 11.78
CA GLY A 321 11.28 -5.58 11.80
C GLY A 321 11.98 -4.39 12.44
N THR A 322 13.13 -4.65 13.07
CA THR A 322 13.90 -3.61 13.73
C THR A 322 14.40 -2.57 12.73
N GLU A 323 14.88 -3.05 11.59
CA GLU A 323 15.38 -2.19 10.54
C GLU A 323 14.39 -1.07 10.23
N TYR A 324 13.26 -1.47 9.64
CA TYR A 324 12.21 -0.55 9.27
C TYR A 324 11.72 0.33 10.41
N VAL A 325 11.56 -0.23 11.60
CA VAL A 325 11.08 0.53 12.75
C VAL A 325 11.99 1.68 13.15
N THR A 326 13.30 1.51 12.99
CA THR A 326 14.23 2.59 13.33
C THR A 326 14.22 3.66 12.25
N ALA A 327 13.81 3.26 11.04
CA ALA A 327 13.74 4.18 9.90
C ALA A 327 12.57 5.14 10.08
N ILE A 328 11.43 4.60 10.48
CA ILE A 328 10.23 5.41 10.70
C ILE A 328 10.41 6.33 11.89
N ALA A 329 11.04 5.80 12.95
CA ALA A 329 11.29 6.59 14.16
C ALA A 329 12.16 7.80 13.81
N ASN A 330 13.21 7.56 13.02
CA ASN A 330 14.11 8.62 12.60
C ASN A 330 13.41 9.65 11.73
N LEU A 331 12.62 9.17 10.79
CA LEU A 331 11.88 10.06 9.90
C LEU A 331 10.83 10.88 10.65
N LYS A 332 10.25 10.28 11.69
CA LYS A 332 9.21 10.93 12.49
C LYS A 332 9.71 11.99 13.47
N LYS A 333 11.01 11.98 13.79
CA LYS A 333 11.55 12.98 14.70
C LYS A 333 11.60 14.34 14.00
N CYS A 334 11.38 14.33 12.69
CA CYS A 334 11.35 15.54 11.87
C CYS A 334 10.04 16.31 12.03
N SER A 335 8.92 15.60 11.93
CA SER A 335 7.62 16.22 12.07
C SER A 335 7.27 16.52 13.52
N LEU A 340 8.70 11.33 23.26
CA LEU A 340 7.82 11.29 22.11
C LEU A 340 7.39 9.85 21.77
N GLU A 341 6.87 9.14 22.77
CA GLU A 341 6.39 7.76 22.60
C GLU A 341 4.93 7.66 23.06
N ALA A 342 4.01 7.79 22.12
CA ALA A 342 2.59 7.71 22.45
C ALA A 342 1.75 7.41 21.20
N CYS A 343 0.48 7.09 21.42
CA CYS A 343 -0.43 6.84 20.31
C CYS A 343 -0.86 8.24 19.82
N ALA A 344 -0.66 8.48 18.53
CA ALA A 344 -0.96 9.77 17.89
C ALA A 344 -2.35 10.38 18.17
N PHE A 345 -3.30 9.56 18.60
CA PHE A 345 -4.64 10.05 18.89
C PHE A 345 -4.92 10.02 20.38
#